data_7RQH
#
_entry.id   7RQH
#
_cell.length_a   189.650
_cell.length_b   189.650
_cell.length_c   131.105
_cell.angle_alpha   90.00
_cell.angle_beta   90.00
_cell.angle_gamma   120.00
#
_symmetry.space_group_name_H-M   'H 3'
#
_entity_poly.entity_id   1
_entity_poly.type   'polypeptide(L)'
_entity_poly.pdbx_seq_one_letter_code
;GSHMSAPLPLDELRTFAEVLDRVKAAYVEPVDDKTLLENAIKGMLSNLDPHSAYLGPEDFAELQESTSGEFGGLGIEVGS
EDGFIKVVSPIDDTPAARAGIQPGDLIVQIDGKPTKGQSMTEAVDSMRGKAGSPITLTIVRDGGRPFDVELKRAIIKVKS
VKSQVLEPGYAYLRITQFQVNTGEEVVKALNQLRKDNKGRLKGLVLDLRNNPGGVLQSAVEVADAFLTKGLIVYTKGRIA
NSELRFSADPADPSDKVPLVVLINGGSAAAAEIVAGALQDQKRAILMGTDSFGKGSVQTVLPLNNDRALKLTTALYYTPN
GRSIQAQGIVPDIEVGRAKVTQERSSFEGFKEADLQGHLANGNGGADRPTGKRAAPSERPQDSDYQLSQALSLLKGLSVT
RG
;
_entity_poly.pdbx_strand_id   A,B
#
# COMPACT_ATOMS: atom_id res chain seq x y z
N LEU A 8 -6.59 -31.68 -22.77
CA LEU A 8 -5.94 -31.42 -24.05
C LEU A 8 -6.68 -32.14 -25.18
N PRO A 9 -7.40 -31.36 -25.99
CA PRO A 9 -8.13 -31.95 -27.13
C PRO A 9 -7.17 -32.53 -28.16
N LEU A 10 -7.05 -33.86 -28.16
CA LEU A 10 -6.12 -34.56 -29.04
C LEU A 10 -6.45 -34.36 -30.52
N ASP A 11 -7.72 -34.11 -30.86
CA ASP A 11 -8.07 -33.97 -32.28
C ASP A 11 -7.38 -32.79 -32.95
N GLU A 12 -7.41 -31.61 -32.33
CA GLU A 12 -6.61 -30.49 -32.82
C GLU A 12 -5.13 -30.66 -32.51
N LEU A 13 -4.79 -31.42 -31.46
CA LEU A 13 -3.39 -31.77 -31.23
C LEU A 13 -2.81 -32.52 -32.41
N ARG A 14 -3.64 -33.27 -33.14
CA ARG A 14 -3.18 -33.90 -34.38
C ARG A 14 -2.72 -32.85 -35.38
N THR A 15 -3.53 -31.81 -35.59
CA THR A 15 -3.16 -30.72 -36.50
C THR A 15 -1.87 -30.06 -36.06
N PHE A 16 -1.75 -29.78 -34.75
CA PHE A 16 -0.55 -29.09 -34.27
C PHE A 16 0.69 -29.95 -34.48
N ALA A 17 0.63 -31.22 -34.08
CA ALA A 17 1.78 -32.11 -34.22
C ALA A 17 2.13 -32.35 -35.69
N GLU A 18 1.12 -32.41 -36.56
CA GLU A 18 1.38 -32.60 -37.98
C GLU A 18 2.09 -31.38 -38.58
N VAL A 19 1.63 -30.18 -38.22
CA VAL A 19 2.31 -28.97 -38.67
C VAL A 19 3.74 -28.93 -38.15
N LEU A 20 3.93 -29.31 -36.89
CA LEU A 20 5.27 -29.31 -36.30
C LEU A 20 6.18 -30.32 -37.01
N ASP A 21 5.64 -31.47 -37.38
CA ASP A 21 6.45 -32.48 -38.08
C ASP A 21 6.80 -32.03 -39.49
N ARG A 22 5.85 -31.41 -40.19
CA ARG A 22 6.15 -30.86 -41.52
C ARG A 22 7.25 -29.81 -41.43
N VAL A 23 7.18 -28.94 -40.43
CA VAL A 23 8.23 -27.94 -40.25
C VAL A 23 9.58 -28.61 -39.94
N LYS A 24 9.56 -29.60 -39.05
CA LYS A 24 10.77 -30.35 -38.71
C LYS A 24 11.37 -31.01 -39.93
N ALA A 25 10.53 -31.35 -40.91
CA ALA A 25 11.02 -32.02 -42.12
C ALA A 25 11.57 -31.01 -43.13
N ALA A 26 10.93 -29.85 -43.28
CA ALA A 26 11.22 -28.99 -44.43
C ALA A 26 12.30 -27.95 -44.18
N TYR A 27 12.49 -27.50 -42.93
CA TYR A 27 13.42 -26.41 -42.68
C TYR A 27 14.82 -26.74 -43.18
N VAL A 28 15.58 -25.70 -43.53
CA VAL A 28 16.89 -25.91 -44.15
C VAL A 28 17.82 -26.65 -43.19
N GLU A 29 18.17 -26.00 -42.09
CA GLU A 29 19.03 -26.63 -41.11
C GLU A 29 18.18 -27.45 -40.14
N PRO A 30 18.61 -28.67 -39.82
CA PRO A 30 17.79 -29.54 -38.99
C PRO A 30 17.64 -29.01 -37.58
N VAL A 31 16.44 -29.17 -37.03
CA VAL A 31 16.11 -28.75 -35.68
C VAL A 31 15.38 -29.89 -35.00
N ASP A 32 15.70 -30.13 -33.73
CA ASP A 32 15.09 -31.23 -33.00
C ASP A 32 13.71 -30.84 -32.49
N ASP A 33 13.02 -31.84 -31.92
CA ASP A 33 11.68 -31.62 -31.41
C ASP A 33 11.67 -30.68 -30.22
N LYS A 34 12.73 -30.74 -29.40
CA LYS A 34 12.77 -29.96 -28.16
C LYS A 34 12.78 -28.46 -28.44
N THR A 35 13.64 -28.03 -29.38
CA THR A 35 13.71 -26.62 -29.70
C THR A 35 12.42 -26.12 -30.33
N LEU A 36 11.79 -26.95 -31.18
CA LEU A 36 10.51 -26.57 -31.78
C LEU A 36 9.43 -26.40 -30.71
N LEU A 37 9.34 -27.34 -29.76
CA LEU A 37 8.36 -27.20 -28.69
C LEU A 37 8.63 -25.97 -27.83
N GLU A 38 9.90 -25.73 -27.49
CA GLU A 38 10.25 -24.56 -26.69
C GLU A 38 9.89 -23.27 -27.41
N ASN A 39 10.18 -23.19 -28.72
CA ASN A 39 9.80 -22.02 -29.49
C ASN A 39 8.30 -21.87 -29.59
N ALA A 40 7.57 -22.99 -29.71
CA ALA A 40 6.12 -22.93 -29.71
C ALA A 40 5.59 -22.33 -28.40
N ILE A 41 6.18 -22.72 -27.27
CA ILE A 41 5.78 -22.15 -25.99
C ILE A 41 6.07 -20.65 -25.96
N LYS A 42 7.32 -20.28 -26.28
CA LYS A 42 7.72 -18.88 -26.23
C LYS A 42 6.86 -18.02 -27.14
N GLY A 43 6.49 -18.54 -28.31
CA GLY A 43 5.65 -17.79 -29.23
C GLY A 43 4.19 -17.75 -28.84
N MET A 44 3.68 -18.83 -28.25
CA MET A 44 2.31 -18.81 -27.74
C MET A 44 2.17 -17.74 -26.67
N LEU A 45 3.18 -17.58 -25.83
CA LEU A 45 3.15 -16.48 -24.87
C LEU A 45 3.38 -15.13 -25.56
N SER A 46 4.34 -15.08 -26.48
CA SER A 46 4.67 -13.83 -27.18
C SER A 46 3.53 -13.34 -28.06
N ASN A 47 2.87 -14.26 -28.79
CA ASN A 47 1.79 -13.84 -29.68
C ASN A 47 0.55 -13.43 -28.89
N LEU A 48 0.38 -13.97 -27.68
CA LEU A 48 -0.77 -13.63 -26.86
C LEU A 48 -0.61 -12.25 -26.25
N ASP A 49 0.54 -12.00 -25.62
CA ASP A 49 0.74 -10.82 -24.81
C ASP A 49 2.19 -10.35 -24.85
N PRO A 50 2.44 -9.08 -25.19
CA PRO A 50 3.84 -8.60 -25.22
C PRO A 50 4.53 -8.63 -23.87
N HIS A 51 3.77 -8.59 -22.77
CA HIS A 51 4.35 -8.63 -21.43
C HIS A 51 4.50 -10.05 -20.89
N SER A 52 4.17 -11.07 -21.67
CA SER A 52 4.26 -12.45 -21.22
C SER A 52 5.59 -13.07 -21.63
N ALA A 53 6.15 -13.88 -20.73
CA ALA A 53 7.47 -14.48 -20.91
C ALA A 53 7.46 -15.88 -20.31
N TYR A 54 8.63 -16.51 -20.34
CA TYR A 54 8.79 -17.89 -19.86
C TYR A 54 10.21 -18.08 -19.32
N VAL A 158 15.44 10.39 -3.60
CA VAL A 158 14.43 10.99 -4.46
C VAL A 158 13.17 11.34 -3.67
N LYS A 159 12.84 12.62 -3.64
CA LYS A 159 11.63 13.08 -2.97
C LYS A 159 10.46 12.89 -3.92
N SER A 160 9.40 12.26 -3.41
CA SER A 160 8.30 11.85 -4.29
C SER A 160 7.49 13.04 -4.76
N VAL A 161 7.23 14.01 -3.89
CA VAL A 161 6.36 15.13 -4.20
C VAL A 161 7.11 16.43 -3.94
N LYS A 162 6.93 17.40 -4.84
CA LYS A 162 7.49 18.72 -4.68
C LYS A 162 6.42 19.75 -5.02
N SER A 163 6.20 20.70 -4.11
CA SER A 163 5.14 21.69 -4.25
C SER A 163 5.70 23.10 -4.24
N GLN A 164 4.88 24.03 -4.72
CA GLN A 164 5.25 25.44 -4.81
C GLN A 164 4.00 26.25 -5.15
N VAL A 165 3.90 27.44 -4.56
CA VAL A 165 2.83 28.39 -4.89
C VAL A 165 3.33 29.28 -6.03
N LEU A 166 2.70 29.12 -7.21
CA LEU A 166 3.19 29.82 -8.40
C LEU A 166 2.84 31.30 -8.38
N GLU A 167 1.62 31.63 -7.98
CA GLU A 167 1.14 32.99 -7.90
C GLU A 167 0.27 33.12 -6.66
N PRO A 168 -0.01 34.35 -6.20
CA PRO A 168 -0.93 34.48 -5.07
C PRO A 168 -2.28 33.86 -5.38
N GLY A 169 -2.61 32.76 -4.73
CA GLY A 169 -3.84 32.03 -4.97
C GLY A 169 -3.69 30.77 -5.82
N TYR A 170 -2.57 30.60 -6.52
CA TYR A 170 -2.43 29.52 -7.49
C TYR A 170 -1.15 28.75 -7.22
N ALA A 171 -1.28 27.43 -7.06
CA ALA A 171 -0.19 26.57 -6.59
C ALA A 171 0.02 25.37 -7.50
N TYR A 172 1.17 24.73 -7.32
CA TYR A 172 1.66 23.69 -8.22
C TYR A 172 2.19 22.52 -7.40
N LEU A 173 1.72 21.31 -7.72
CA LEU A 173 2.06 20.09 -6.99
C LEU A 173 2.52 19.04 -8.00
N ARG A 174 3.77 18.61 -7.90
CA ARG A 174 4.37 17.66 -8.84
C ARG A 174 4.56 16.31 -8.18
N ILE A 175 4.20 15.24 -8.89
CA ILE A 175 4.41 13.87 -8.41
C ILE A 175 5.51 13.24 -9.23
N THR A 176 6.74 13.25 -8.71
CA THR A 176 7.86 12.62 -9.40
C THR A 176 7.63 11.12 -9.56
N GLN A 177 7.13 10.47 -8.51
CA GLN A 177 7.01 9.02 -8.46
C GLN A 177 6.00 8.66 -7.39
N PHE A 178 5.52 7.42 -7.44
CA PHE A 178 4.56 6.92 -6.46
C PHE A 178 5.28 5.95 -5.53
N GLN A 179 5.75 6.47 -4.41
CA GLN A 179 6.36 5.68 -3.36
C GLN A 179 5.37 5.53 -2.21
N VAL A 180 5.79 4.86 -1.15
CA VAL A 180 4.90 4.66 -0.01
C VAL A 180 4.60 5.99 0.69
N ASN A 181 5.62 6.83 0.83
CA ASN A 181 5.49 8.13 1.48
C ASN A 181 4.63 9.11 0.69
N THR A 182 4.27 8.77 -0.55
CA THR A 182 3.67 9.73 -1.48
C THR A 182 2.37 10.32 -0.93
N GLY A 183 1.48 9.48 -0.42
CA GLY A 183 0.21 9.99 0.10
C GLY A 183 0.39 10.99 1.23
N GLU A 184 1.12 10.59 2.27
CA GLU A 184 1.40 11.49 3.38
C GLU A 184 2.04 12.78 2.89
N GLU A 185 2.95 12.67 1.91
CA GLU A 185 3.66 13.85 1.44
C GLU A 185 2.73 14.76 0.64
N VAL A 186 1.81 14.19 -0.13
CA VAL A 186 0.87 14.99 -0.89
C VAL A 186 -0.06 15.76 0.05
N VAL A 187 -0.51 15.11 1.12
CA VAL A 187 -1.39 15.82 2.05
C VAL A 187 -0.63 16.90 2.82
N LYS A 188 0.59 16.57 3.25
CA LYS A 188 1.46 17.57 3.86
C LYS A 188 1.65 18.78 2.95
N ALA A 189 1.89 18.53 1.65
CA ALA A 189 2.11 19.63 0.71
C ALA A 189 0.84 20.43 0.49
N LEU A 190 -0.32 19.76 0.46
CA LEU A 190 -1.59 20.48 0.35
C LEU A 190 -1.78 21.46 1.50
N ASN A 191 -1.65 20.97 2.73
CA ASN A 191 -1.76 21.86 3.89
C ASN A 191 -0.71 22.96 3.86
N GLN A 192 0.53 22.62 3.46
CA GLN A 192 1.59 23.61 3.42
C GLN A 192 1.30 24.70 2.40
N LEU A 193 0.75 24.33 1.25
CA LEU A 193 0.40 25.32 0.24
C LEU A 193 -0.75 26.21 0.72
N ARG A 194 -1.72 25.64 1.43
CA ARG A 194 -2.74 26.49 2.03
C ARG A 194 -2.12 27.48 3.00
N LYS A 195 -1.09 27.05 3.73
CA LYS A 195 -0.39 27.98 4.63
C LYS A 195 0.42 29.00 3.86
N ASP A 196 0.96 28.63 2.70
CA ASP A 196 1.80 29.54 1.93
C ASP A 196 0.99 30.69 1.37
N ASN A 197 -0.17 30.38 0.75
CA ASN A 197 -1.07 31.40 0.26
C ASN A 197 -1.78 32.14 1.38
N LYS A 198 -1.63 31.69 2.63
CA LYS A 198 -2.29 32.27 3.80
C LYS A 198 -3.81 32.26 3.66
N GLY A 199 -4.34 31.44 2.76
CA GLY A 199 -5.77 31.34 2.58
C GLY A 199 -6.09 30.25 1.58
N ARG A 200 -7.39 30.05 1.37
CA ARG A 200 -7.84 29.06 0.40
C ARG A 200 -7.27 29.37 -0.99
N LEU A 201 -7.03 28.32 -1.77
CA LEU A 201 -6.37 28.45 -3.06
C LEU A 201 -7.40 28.69 -4.16
N LYS A 202 -7.02 29.49 -5.14
CA LYS A 202 -7.87 29.74 -6.30
C LYS A 202 -7.69 28.69 -7.38
N GLY A 203 -6.51 28.06 -7.45
CA GLY A 203 -6.26 27.03 -8.44
C GLY A 203 -5.02 26.23 -8.10
N LEU A 204 -5.02 24.96 -8.54
CA LEU A 204 -3.94 24.03 -8.27
C LEU A 204 -3.63 23.27 -9.55
N VAL A 205 -2.36 22.97 -9.77
CA VAL A 205 -1.94 22.16 -10.92
C VAL A 205 -1.27 20.89 -10.43
N LEU A 206 -1.84 19.74 -10.81
CA LEU A 206 -1.21 18.45 -10.58
C LEU A 206 -0.32 18.11 -11.77
N ASP A 207 1.00 18.06 -11.54
CA ASP A 207 1.97 17.63 -12.53
C ASP A 207 2.18 16.13 -12.37
N LEU A 208 1.48 15.36 -13.21
CA LEU A 208 1.62 13.91 -13.28
C LEU A 208 2.41 13.48 -14.51
N ARG A 209 3.05 14.43 -15.19
CA ARG A 209 3.85 14.10 -16.37
C ARG A 209 5.17 13.47 -15.95
N ASN A 210 5.71 12.62 -16.83
CA ASN A 210 6.96 11.90 -16.59
C ASN A 210 6.85 11.04 -15.32
N ASN A 211 5.72 10.37 -15.15
CA ASN A 211 5.47 9.55 -13.97
C ASN A 211 5.23 8.11 -14.38
N PRO A 212 6.19 7.21 -14.20
CA PRO A 212 6.00 5.81 -14.61
C PRO A 212 4.92 5.10 -13.81
N GLY A 213 4.74 5.46 -12.55
CA GLY A 213 3.80 4.76 -11.69
C GLY A 213 4.41 4.52 -10.32
N GLY A 214 4.02 3.43 -9.68
CA GLY A 214 4.60 3.08 -8.41
C GLY A 214 3.58 2.33 -7.55
N VAL A 215 3.65 2.59 -6.25
CA VAL A 215 2.77 1.91 -5.29
C VAL A 215 1.32 2.27 -5.61
N LEU A 216 0.50 1.24 -5.89
CA LEU A 216 -0.90 1.46 -6.23
C LEU A 216 -1.66 2.11 -5.07
N GLN A 217 -1.40 1.64 -3.84
CA GLN A 217 -2.09 2.20 -2.69
C GLN A 217 -1.79 3.69 -2.53
N SER A 218 -0.55 4.08 -2.82
CA SER A 218 -0.22 5.51 -2.79
C SER A 218 -0.97 6.27 -3.87
N ALA A 219 -1.21 5.63 -5.03
CA ALA A 219 -2.02 6.27 -6.07
C ALA A 219 -3.44 6.50 -5.59
N VAL A 220 -4.04 5.49 -4.96
CA VAL A 220 -5.41 5.66 -4.46
C VAL A 220 -5.43 6.70 -3.35
N GLU A 221 -4.33 6.84 -2.60
CA GLU A 221 -4.27 7.85 -1.56
C GLU A 221 -4.17 9.25 -2.16
N VAL A 222 -3.38 9.41 -3.23
CA VAL A 222 -3.27 10.70 -3.91
C VAL A 222 -4.62 11.10 -4.51
N ALA A 223 -5.28 10.15 -5.18
CA ALA A 223 -6.60 10.44 -5.71
C ALA A 223 -7.60 10.73 -4.59
N ASP A 224 -7.50 10.00 -3.48
CA ASP A 224 -8.43 10.19 -2.37
C ASP A 224 -8.27 11.54 -1.71
N ALA A 225 -7.14 12.22 -1.90
CA ALA A 225 -6.96 13.56 -1.38
C ALA A 225 -7.81 14.59 -2.12
N PHE A 226 -8.41 14.20 -3.25
CA PHE A 226 -9.21 15.09 -4.07
C PHE A 226 -10.66 14.63 -4.20
N LEU A 227 -11.00 13.44 -3.71
CA LEU A 227 -12.32 12.84 -3.89
C LEU A 227 -12.97 12.61 -2.54
N THR A 228 -14.29 12.84 -2.50
CA THR A 228 -15.09 12.64 -1.30
C THR A 228 -16.05 11.47 -1.40
N LYS A 229 -16.28 10.94 -2.59
CA LYS A 229 -17.19 9.83 -2.79
C LYS A 229 -16.89 9.20 -4.14
N GLY A 230 -17.47 8.03 -4.36
CA GLY A 230 -17.37 7.38 -5.65
C GLY A 230 -16.18 6.45 -5.76
N LEU A 231 -16.09 5.81 -6.92
CA LEU A 231 -15.05 4.84 -7.18
C LEU A 231 -13.76 5.55 -7.63
N ILE A 232 -12.64 4.89 -7.40
CA ILE A 232 -11.34 5.38 -7.84
C ILE A 232 -10.77 4.50 -8.95
N VAL A 233 -10.71 3.19 -8.72
CA VAL A 233 -10.15 2.29 -9.72
C VAL A 233 -10.57 0.86 -9.42
N TYR A 234 -10.73 0.05 -10.47
CA TYR A 234 -11.05 -1.36 -10.25
C TYR A 234 -10.42 -2.23 -11.33
N THR A 235 -9.93 -3.39 -10.92
CA THR A 235 -9.27 -4.34 -11.80
C THR A 235 -10.21 -5.46 -12.20
N LYS A 236 -10.10 -5.90 -13.45
CA LYS A 236 -10.90 -7.04 -13.93
C LYS A 236 -9.96 -8.09 -14.51
N GLY A 237 -10.18 -9.34 -14.12
CA GLY A 237 -9.42 -10.47 -14.62
C GLY A 237 -10.14 -11.77 -14.31
N ARG A 238 -9.56 -12.87 -14.77
CA ARG A 238 -10.14 -14.20 -14.62
C ARG A 238 -9.45 -15.06 -13.55
N ILE A 239 -8.58 -14.50 -12.73
CA ILE A 239 -7.95 -15.29 -11.67
C ILE A 239 -8.71 -15.00 -10.39
N ALA A 240 -8.66 -15.95 -9.45
CA ALA A 240 -9.61 -15.95 -8.34
C ALA A 240 -9.55 -14.69 -7.50
N ASN A 241 -8.36 -14.30 -7.03
CA ASN A 241 -8.23 -13.18 -6.11
C ASN A 241 -7.75 -11.88 -6.78
N SER A 242 -8.06 -11.68 -8.06
CA SER A 242 -7.56 -10.48 -8.74
C SER A 242 -8.41 -9.25 -8.48
N GLU A 243 -9.73 -9.40 -8.42
CA GLU A 243 -10.62 -8.25 -8.32
C GLU A 243 -10.38 -7.45 -7.06
N LEU A 244 -9.97 -6.20 -7.25
CA LEU A 244 -9.73 -5.24 -6.17
C LEU A 244 -10.31 -3.91 -6.61
N ARG A 245 -11.20 -3.36 -5.80
CA ARG A 245 -11.86 -2.08 -6.06
C ARG A 245 -11.39 -1.05 -5.05
N PHE A 246 -11.33 0.21 -5.49
CA PHE A 246 -10.92 1.31 -4.63
C PHE A 246 -11.88 2.47 -4.83
N SER A 247 -12.57 2.81 -3.75
CA SER A 247 -13.54 3.87 -3.65
C SER A 247 -12.98 4.99 -2.77
N ALA A 248 -13.42 6.22 -3.02
CA ALA A 248 -12.95 7.37 -2.26
C ALA A 248 -13.58 7.44 -0.87
N ASP A 249 -12.78 7.87 0.11
CA ASP A 249 -13.30 8.11 1.45
C ASP A 249 -13.85 9.54 1.53
N PRO A 250 -14.74 9.83 2.49
CA PRO A 250 -15.40 11.13 2.49
C PRO A 250 -14.55 12.31 2.95
N ALA A 251 -13.23 12.17 2.90
CA ALA A 251 -12.31 13.23 3.29
C ALA A 251 -11.43 13.62 2.11
N ASP A 252 -11.38 14.91 1.80
CA ASP A 252 -10.47 15.43 0.78
C ASP A 252 -9.70 16.63 1.33
N PRO A 253 -8.40 16.49 1.60
CA PRO A 253 -7.60 17.66 2.01
C PRO A 253 -7.47 18.73 0.95
N SER A 254 -7.97 18.50 -0.27
CA SER A 254 -7.86 19.49 -1.33
C SER A 254 -8.79 20.68 -1.11
N ASP A 255 -9.82 20.51 -0.27
CA ASP A 255 -10.81 21.54 -0.01
C ASP A 255 -11.47 22.04 -1.29
N LYS A 256 -11.79 21.10 -2.19
CA LYS A 256 -12.57 21.34 -3.40
C LYS A 256 -11.93 22.37 -4.32
N VAL A 257 -10.61 22.57 -4.21
CA VAL A 257 -9.94 23.54 -5.08
C VAL A 257 -10.05 23.09 -6.53
N PRO A 258 -10.37 23.97 -7.48
CA PRO A 258 -10.34 23.57 -8.89
C PRO A 258 -8.92 23.32 -9.32
N LEU A 259 -8.68 22.16 -9.94
CA LEU A 259 -7.33 21.79 -10.33
C LEU A 259 -7.30 21.30 -11.78
N VAL A 260 -6.17 21.55 -12.42
CA VAL A 260 -5.84 21.02 -13.74
C VAL A 260 -4.71 20.02 -13.57
N VAL A 261 -4.87 18.83 -14.14
CA VAL A 261 -3.86 17.79 -14.06
C VAL A 261 -3.18 17.68 -15.41
N LEU A 262 -1.85 17.66 -15.40
CA LEU A 262 -1.06 17.61 -16.62
C LEU A 262 -0.55 16.19 -16.83
N ILE A 263 -0.77 15.64 -18.03
CA ILE A 263 -0.36 14.30 -18.38
C ILE A 263 0.33 14.33 -19.73
N ASN A 264 1.46 13.65 -19.84
CA ASN A 264 2.19 13.49 -21.09
C ASN A 264 2.19 12.00 -21.48
N GLY A 265 3.00 11.67 -22.49
CA GLY A 265 3.16 10.28 -22.87
C GLY A 265 3.89 9.43 -21.85
N GLY A 266 4.83 10.03 -21.12
CA GLY A 266 5.59 9.27 -20.14
C GLY A 266 4.93 9.18 -18.78
N SER A 267 3.61 9.13 -18.76
CA SER A 267 2.83 8.95 -17.54
C SER A 267 2.03 7.67 -17.65
N ALA A 268 2.34 6.70 -16.80
CA ALA A 268 1.76 5.37 -16.95
C ALA A 268 1.37 4.80 -15.58
N ALA A 269 0.56 3.75 -15.62
CA ALA A 269 0.24 2.91 -14.46
C ALA A 269 -0.43 3.78 -13.39
N ALA A 270 0.17 3.93 -12.21
CA ALA A 270 -0.50 4.62 -11.11
C ALA A 270 -0.84 6.06 -11.48
N ALA A 271 0.07 6.74 -12.19
CA ALA A 271 -0.24 8.09 -12.67
C ALA A 271 -1.52 8.10 -13.50
N GLU A 272 -1.67 7.12 -14.39
CA GLU A 272 -2.87 7.06 -15.21
C GLU A 272 -4.10 6.72 -14.38
N ILE A 273 -3.94 5.87 -13.35
CA ILE A 273 -5.08 5.59 -12.47
C ILE A 273 -5.55 6.87 -11.79
N VAL A 274 -4.60 7.64 -11.22
CA VAL A 274 -4.96 8.89 -10.57
C VAL A 274 -5.63 9.85 -11.54
N ALA A 275 -5.02 10.06 -12.71
CA ALA A 275 -5.57 10.99 -13.69
C ALA A 275 -6.95 10.56 -14.18
N GLY A 276 -7.12 9.27 -14.47
CA GLY A 276 -8.41 8.78 -14.92
C GLY A 276 -9.49 8.89 -13.87
N ALA A 277 -9.14 8.60 -12.61
CA ALA A 277 -10.09 8.80 -11.52
C ALA A 277 -10.49 10.27 -11.43
N LEU A 278 -9.52 11.18 -11.49
CA LEU A 278 -9.82 12.60 -11.40
C LEU A 278 -10.66 13.08 -12.56
N GLN A 279 -10.46 12.53 -13.76
CA GLN A 279 -11.24 12.96 -14.92
C GLN A 279 -12.65 12.38 -14.92
N ASP A 280 -12.77 11.07 -14.71
CA ASP A 280 -14.09 10.43 -14.79
C ASP A 280 -15.01 10.88 -13.66
N GLN A 281 -14.44 11.25 -12.52
CA GLN A 281 -15.22 11.82 -11.43
C GLN A 281 -15.55 13.28 -11.66
N LYS A 282 -15.17 13.83 -12.82
CA LYS A 282 -15.38 15.24 -13.16
C LYS A 282 -14.84 16.15 -12.06
N ARG A 283 -13.68 15.78 -11.52
CA ARG A 283 -13.02 16.52 -10.45
C ARG A 283 -11.92 17.42 -10.97
N ALA A 284 -11.26 17.05 -12.05
CA ALA A 284 -10.15 17.81 -12.59
C ALA A 284 -10.29 17.92 -14.11
N ILE A 285 -9.60 18.90 -14.67
CA ILE A 285 -9.48 19.07 -16.12
C ILE A 285 -8.09 18.59 -16.53
N LEU A 286 -8.04 17.58 -17.41
CA LEU A 286 -6.78 17.02 -17.87
C LEU A 286 -6.22 17.82 -19.03
N MET A 287 -4.92 18.13 -18.95
CA MET A 287 -4.24 18.92 -19.96
C MET A 287 -2.92 18.24 -20.33
N GLY A 288 -2.47 18.50 -21.55
CA GLY A 288 -1.28 17.86 -22.06
C GLY A 288 -1.53 16.98 -23.26
N THR A 289 -0.60 16.07 -23.53
CA THR A 289 -0.75 15.08 -24.59
C THR A 289 -1.28 13.78 -24.00
N ASP A 290 -1.44 12.77 -24.86
CA ASP A 290 -1.98 11.49 -24.43
C ASP A 290 -0.95 10.75 -23.57
N SER A 291 -1.42 9.72 -22.89
CA SER A 291 -0.63 8.97 -21.92
C SER A 291 -0.11 7.67 -22.50
N PHE A 292 0.77 7.02 -21.73
CA PHE A 292 1.37 5.76 -22.15
C PHE A 292 0.31 4.68 -22.39
N GLY A 293 -0.56 4.47 -21.40
CA GLY A 293 -1.56 3.42 -21.52
C GLY A 293 -1.16 2.08 -20.96
N LYS A 294 -0.25 2.03 -20.00
CA LYS A 294 0.16 0.77 -19.38
C LYS A 294 -0.73 0.53 -18.17
N GLY A 295 -1.81 -0.22 -18.37
CA GLY A 295 -2.76 -0.50 -17.31
C GLY A 295 -3.07 -1.97 -17.21
N SER A 296 -2.03 -2.78 -17.03
CA SER A 296 -2.16 -4.23 -16.95
C SER A 296 -1.27 -4.74 -15.83
N VAL A 297 -1.70 -5.82 -15.18
CA VAL A 297 -0.93 -6.45 -14.11
C VAL A 297 -0.50 -7.83 -14.56
N GLN A 298 0.76 -8.14 -14.35
CA GLN A 298 1.36 -9.43 -14.70
C GLN A 298 1.66 -10.20 -13.42
N THR A 299 1.13 -11.42 -13.34
CA THR A 299 1.47 -12.34 -12.27
C THR A 299 2.40 -13.41 -12.80
N VAL A 300 3.32 -13.85 -11.95
CA VAL A 300 4.19 -14.97 -12.25
C VAL A 300 3.45 -16.23 -11.81
N LEU A 301 3.22 -17.13 -12.74
CA LEU A 301 2.57 -18.38 -12.45
C LEU A 301 3.58 -19.52 -12.45
N PRO A 302 3.52 -20.40 -11.46
CA PRO A 302 4.42 -21.55 -11.42
C PRO A 302 3.89 -22.72 -12.22
N LEU A 303 4.81 -23.55 -12.68
CA LEU A 303 4.49 -24.69 -13.52
C LEU A 303 5.02 -25.97 -12.87
N ASN A 304 4.48 -27.11 -13.28
CA ASN A 304 4.97 -28.38 -12.76
C ASN A 304 6.44 -28.58 -13.09
N ASN A 305 6.86 -28.13 -14.27
CA ASN A 305 8.28 -28.11 -14.57
C ASN A 305 8.95 -27.01 -13.76
N ASP A 306 10.27 -27.13 -13.56
CA ASP A 306 11.00 -26.18 -12.73
C ASP A 306 11.25 -24.91 -13.55
N ARG A 307 10.16 -24.18 -13.76
CA ARG A 307 10.13 -22.96 -14.56
C ARG A 307 8.78 -22.30 -14.30
N ALA A 308 8.64 -21.08 -14.78
CA ALA A 308 7.44 -20.31 -14.55
C ALA A 308 7.17 -19.42 -15.75
N LEU A 309 5.96 -18.86 -15.80
CA LEU A 309 5.58 -18.00 -16.90
C LEU A 309 4.95 -16.72 -16.36
N LYS A 310 5.30 -15.59 -16.97
CA LYS A 310 4.68 -14.32 -16.62
C LYS A 310 3.46 -14.13 -17.51
N LEU A 311 2.30 -13.94 -16.90
CA LEU A 311 1.08 -13.75 -17.67
C LEU A 311 0.33 -12.56 -17.10
N THR A 312 -0.22 -11.73 -17.98
CA THR A 312 -1.13 -10.69 -17.51
C THR A 312 -2.40 -11.35 -17.00
N THR A 313 -2.72 -11.13 -15.72
CA THR A 313 -3.85 -11.80 -15.10
C THR A 313 -5.07 -10.91 -14.95
N ALA A 314 -4.90 -9.59 -14.97
CA ALA A 314 -6.01 -8.66 -14.88
C ALA A 314 -5.53 -7.33 -15.44
N LEU A 315 -6.48 -6.40 -15.59
CA LEU A 315 -6.13 -5.07 -16.08
C LEU A 315 -6.99 -4.03 -15.38
N TYR A 316 -6.47 -2.81 -15.35
CA TYR A 316 -7.06 -1.68 -14.64
C TYR A 316 -8.20 -1.03 -15.43
N TYR A 317 -9.17 -0.51 -14.69
CA TYR A 317 -10.29 0.24 -15.25
C TYR A 317 -10.56 1.46 -14.40
N THR A 318 -10.78 2.59 -15.07
CA THR A 318 -11.13 3.84 -14.43
C THR A 318 -12.60 3.80 -14.00
N PRO A 319 -13.04 4.76 -13.17
CA PRO A 319 -14.44 4.72 -12.70
C PRO A 319 -15.47 4.68 -13.80
N ASN A 320 -15.24 5.35 -14.93
CA ASN A 320 -16.18 5.30 -16.04
C ASN A 320 -16.38 3.87 -16.53
N GLY A 321 -15.30 3.09 -16.59
CA GLY A 321 -15.31 1.75 -17.15
C GLY A 321 -14.36 1.58 -18.31
N ARG A 322 -13.60 2.62 -18.65
CA ARG A 322 -12.65 2.58 -19.74
C ARG A 322 -11.37 1.87 -19.31
N SER A 323 -10.92 0.92 -20.12
CA SER A 323 -9.65 0.25 -19.86
C SER A 323 -8.49 1.20 -20.10
N ILE A 324 -7.56 1.27 -19.14
CA ILE A 324 -6.38 2.10 -19.31
C ILE A 324 -5.41 1.45 -20.29
N GLN A 325 -5.42 0.11 -20.38
CA GLN A 325 -4.45 -0.59 -21.22
C GLN A 325 -4.58 -0.22 -22.68
N ALA A 326 -5.82 -0.11 -23.18
CA ALA A 326 -6.06 0.19 -24.58
C ALA A 326 -6.26 1.68 -24.81
N GLN A 327 -7.28 2.26 -24.17
CA GLN A 327 -7.64 3.65 -24.41
C GLN A 327 -6.61 4.61 -23.85
N GLY A 328 -5.89 4.22 -22.79
CA GLY A 328 -5.07 5.19 -22.12
C GLY A 328 -5.96 6.22 -21.46
N ILE A 329 -5.40 7.38 -21.17
CA ILE A 329 -6.17 8.52 -20.66
C ILE A 329 -5.95 9.71 -21.59
N VAL A 330 -7.03 10.18 -22.21
CA VAL A 330 -6.97 11.24 -23.20
C VAL A 330 -7.28 12.55 -22.50
N PRO A 331 -6.41 13.57 -22.59
CA PRO A 331 -6.67 14.83 -21.88
C PRO A 331 -7.83 15.60 -22.47
N ASP A 332 -8.51 16.34 -21.60
CA ASP A 332 -9.63 17.17 -22.05
C ASP A 332 -9.17 18.30 -22.95
N ILE A 333 -7.97 18.84 -22.72
CA ILE A 333 -7.38 19.86 -23.58
C ILE A 333 -6.01 19.36 -24.03
N GLU A 334 -5.82 19.27 -25.35
CA GLU A 334 -4.54 18.86 -25.89
C GLU A 334 -3.60 20.05 -25.98
N VAL A 335 -2.45 19.94 -25.32
CA VAL A 335 -1.43 20.98 -25.29
C VAL A 335 -0.08 20.27 -25.39
N GLY A 336 0.60 20.44 -26.52
CA GLY A 336 1.92 19.85 -26.65
C GLY A 336 2.97 20.61 -25.88
N ARG A 337 4.09 19.93 -25.66
CA ARG A 337 5.22 20.54 -24.96
C ARG A 337 5.85 21.64 -25.80
N ALA A 338 6.24 22.72 -25.14
CA ALA A 338 6.88 23.85 -25.80
C ALA A 338 7.59 24.69 -24.75
N LYS A 339 8.47 25.57 -25.23
CA LYS A 339 9.20 26.49 -24.37
C LYS A 339 8.85 27.92 -24.77
N VAL A 340 8.52 28.75 -23.78
CA VAL A 340 8.20 30.15 -24.00
C VAL A 340 9.39 31.00 -23.57
N THR A 341 9.67 32.05 -24.35
CA THR A 341 10.79 32.95 -24.09
C THR A 341 10.27 34.39 -24.06
N GLN A 342 10.38 35.02 -22.90
CA GLN A 342 9.91 36.38 -22.72
C GLN A 342 10.84 37.37 -23.44
N GLU A 343 10.27 38.47 -23.88
CA GLU A 343 11.02 39.50 -24.59
C GLU A 343 10.92 40.83 -23.86
N GLU A 378 11.71 30.57 -8.12
CA GLU A 378 11.53 31.17 -9.44
C GLU A 378 10.09 31.04 -9.90
N ARG A 379 9.88 31.24 -11.20
CA ARG A 379 8.57 31.14 -11.83
C ARG A 379 8.67 30.19 -13.01
N PRO A 380 8.24 28.94 -12.85
CA PRO A 380 8.43 27.96 -13.92
C PRO A 380 7.43 28.16 -15.07
N GLN A 381 6.27 28.74 -14.78
CA GLN A 381 5.30 28.96 -15.85
C GLN A 381 5.83 29.92 -16.90
N ASP A 382 6.77 30.80 -16.51
CA ASP A 382 7.44 31.66 -17.47
C ASP A 382 8.30 30.88 -18.45
N SER A 383 8.65 29.64 -18.11
CA SER A 383 9.47 28.80 -18.97
C SER A 383 8.75 27.57 -19.52
N ASP A 384 7.67 27.14 -18.88
CA ASP A 384 6.95 25.92 -19.25
C ASP A 384 5.65 26.31 -19.94
N TYR A 385 5.46 25.83 -21.17
CA TYR A 385 4.26 26.19 -21.93
C TYR A 385 3.02 25.50 -21.36
N GLN A 386 3.10 24.19 -21.12
CA GLN A 386 1.93 23.45 -20.62
C GLN A 386 1.50 23.97 -19.26
N LEU A 387 2.47 24.22 -18.36
CA LEU A 387 2.15 24.76 -17.05
C LEU A 387 1.57 26.16 -17.14
N SER A 388 2.10 26.99 -18.04
CA SER A 388 1.54 28.33 -18.23
C SER A 388 0.11 28.26 -18.74
N GLN A 389 -0.17 27.33 -19.67
CA GLN A 389 -1.52 27.18 -20.17
C GLN A 389 -2.47 26.75 -19.07
N ALA A 390 -2.06 25.78 -18.25
CA ALA A 390 -2.90 25.34 -17.14
C ALA A 390 -3.14 26.47 -16.14
N LEU A 391 -2.10 27.24 -15.83
CA LEU A 391 -2.24 28.36 -14.90
C LEU A 391 -3.21 29.41 -15.43
N SER A 392 -3.08 29.77 -16.72
CA SER A 392 -3.96 30.76 -17.30
C SER A 392 -5.40 30.25 -17.36
N LEU A 393 -5.58 28.95 -17.64
CA LEU A 393 -6.92 28.39 -17.62
C LEU A 393 -7.52 28.48 -16.22
N LEU A 394 -6.72 28.18 -15.19
CA LEU A 394 -7.22 28.27 -13.82
C LEU A 394 -7.59 29.71 -13.46
N LYS A 395 -6.77 30.67 -13.87
CA LYS A 395 -7.05 32.07 -13.57
C LYS A 395 -8.34 32.53 -14.25
N GLY A 396 -8.49 32.21 -15.55
CA GLY A 396 -9.72 32.56 -16.24
C GLY A 396 -10.94 31.88 -15.65
N LEU A 397 -10.81 30.61 -15.29
CA LEU A 397 -11.90 29.88 -14.64
C LEU A 397 -12.29 30.54 -13.33
N SER A 398 -11.31 31.03 -12.58
CA SER A 398 -11.62 31.71 -11.33
C SER A 398 -12.33 33.03 -11.59
N VAL A 399 -11.92 33.77 -12.61
CA VAL A 399 -12.56 35.05 -12.91
C VAL A 399 -14.01 34.85 -13.34
N THR A 400 -14.24 33.90 -14.27
CA THR A 400 -15.61 33.62 -14.72
C THR A 400 -16.50 33.17 -13.57
N ARG A 401 -15.95 32.38 -12.64
CA ARG A 401 -16.73 31.78 -11.56
C ARG A 401 -17.16 32.77 -10.50
N GLY A 402 -16.81 34.04 -10.61
CA GLY A 402 -17.18 35.03 -9.62
C GLY A 402 -18.67 35.25 -9.48
N LEU B 8 36.23 -15.84 4.92
CA LEU B 8 36.50 -17.28 4.90
C LEU B 8 37.59 -17.61 5.92
N PRO B 9 37.17 -18.21 7.04
CA PRO B 9 38.16 -18.57 8.09
C PRO B 9 39.12 -19.67 7.68
N LEU B 10 38.69 -20.64 6.86
CA LEU B 10 39.43 -21.81 6.42
C LEU B 10 39.65 -22.84 7.52
N ASP B 11 40.08 -22.39 8.71
CA ASP B 11 40.25 -23.33 9.82
C ASP B 11 38.90 -23.75 10.39
N GLU B 12 37.98 -22.80 10.57
CA GLU B 12 36.63 -23.16 10.99
C GLU B 12 35.93 -23.95 9.90
N LEU B 13 36.22 -23.63 8.63
CA LEU B 13 35.74 -24.45 7.53
C LEU B 13 36.32 -25.84 7.57
N ARG B 14 37.58 -25.99 8.02
CA ARG B 14 38.15 -27.32 8.19
C ARG B 14 37.36 -28.12 9.23
N THR B 15 37.07 -27.49 10.39
CA THR B 15 36.27 -28.18 11.39
C THR B 15 34.91 -28.59 10.82
N PHE B 16 34.28 -27.68 10.07
CA PHE B 16 32.95 -27.97 9.51
C PHE B 16 33.01 -29.13 8.53
N ALA B 17 33.97 -29.10 7.61
CA ALA B 17 34.09 -30.16 6.61
C ALA B 17 34.46 -31.49 7.26
N GLU B 18 35.22 -31.46 8.35
CA GLU B 18 35.57 -32.68 9.06
C GLU B 18 34.35 -33.32 9.70
N VAL B 19 33.52 -32.49 10.35
CA VAL B 19 32.27 -33.02 10.91
C VAL B 19 31.38 -33.57 9.81
N LEU B 20 31.32 -32.86 8.67
CA LEU B 20 30.50 -33.30 7.56
C LEU B 20 30.99 -34.64 7.00
N ASP B 21 32.31 -34.84 6.93
CA ASP B 21 32.83 -36.10 6.42
C ASP B 21 32.55 -37.24 7.39
N ARG B 22 32.67 -36.98 8.70
CA ARG B 22 32.31 -38.01 9.68
C ARG B 22 30.85 -38.42 9.53
N VAL B 23 29.96 -37.44 9.36
CA VAL B 23 28.55 -37.74 9.15
C VAL B 23 28.34 -38.53 7.87
N LYS B 24 28.99 -38.08 6.79
CA LYS B 24 28.88 -38.75 5.49
C LYS B 24 29.35 -40.20 5.57
N ALA B 25 30.27 -40.49 6.47
CA ALA B 25 30.78 -41.85 6.58
C ALA B 25 29.92 -42.74 7.46
N ALA B 26 29.43 -42.24 8.60
CA ALA B 26 28.86 -43.15 9.59
C ALA B 26 27.36 -43.33 9.51
N TYR B 27 26.61 -42.35 8.98
CA TYR B 27 25.15 -42.39 9.04
C TYR B 27 24.60 -43.67 8.41
N VAL B 28 23.40 -44.07 8.88
CA VAL B 28 22.83 -45.35 8.47
C VAL B 28 22.59 -45.36 6.97
N GLU B 29 21.70 -44.48 6.51
CA GLU B 29 21.42 -44.37 5.08
C GLU B 29 22.42 -43.43 4.43
N PRO B 30 22.97 -43.79 3.28
CA PRO B 30 24.02 -42.98 2.67
C PRO B 30 23.50 -41.60 2.26
N VAL B 31 24.33 -40.59 2.46
CA VAL B 31 23.97 -39.21 2.13
C VAL B 31 25.13 -38.58 1.37
N ASP B 32 24.81 -37.86 0.31
CA ASP B 32 25.80 -37.18 -0.51
C ASP B 32 26.15 -35.82 0.11
N ASP B 33 27.12 -35.15 -0.49
CA ASP B 33 27.56 -33.85 0.03
C ASP B 33 26.48 -32.79 -0.09
N LYS B 34 25.67 -32.84 -1.15
CA LYS B 34 24.71 -31.77 -1.41
C LYS B 34 23.63 -31.72 -0.34
N THR B 35 23.05 -32.86 0.00
CA THR B 35 21.99 -32.88 1.01
C THR B 35 22.53 -32.47 2.37
N LEU B 36 23.76 -32.87 2.69
CA LEU B 36 24.39 -32.44 3.95
C LEU B 36 24.56 -30.92 3.97
N LEU B 37 25.02 -30.34 2.86
CA LEU B 37 25.17 -28.89 2.79
C LEU B 37 23.83 -28.18 2.94
N GLU B 38 22.80 -28.69 2.26
CA GLU B 38 21.47 -28.07 2.35
C GLU B 38 20.92 -28.16 3.77
N ASN B 39 21.11 -29.30 4.43
CA ASN B 39 20.66 -29.44 5.82
C ASN B 39 21.43 -28.49 6.73
N ALA B 40 22.73 -28.33 6.49
CA ALA B 40 23.51 -27.37 7.27
C ALA B 40 22.97 -25.96 7.10
N ILE B 41 22.63 -25.58 5.86
CA ILE B 41 22.07 -24.25 5.61
C ILE B 41 20.74 -24.08 6.33
N LYS B 42 19.82 -25.03 6.13
CA LYS B 42 18.50 -24.94 6.75
C LYS B 42 18.60 -24.86 8.26
N GLY B 43 19.53 -25.60 8.86
CA GLY B 43 19.70 -25.55 10.30
C GLY B 43 20.37 -24.28 10.79
N MET B 44 21.32 -23.75 10.01
CA MET B 44 21.94 -22.48 10.36
C MET B 44 20.90 -21.37 10.38
N LEU B 45 19.97 -21.39 9.42
CA LEU B 45 18.90 -20.41 9.43
C LEU B 45 17.91 -20.68 10.55
N SER B 46 17.57 -21.96 10.79
CA SER B 46 16.65 -22.30 11.86
C SER B 46 17.24 -21.91 13.22
N ASN B 47 18.54 -22.12 13.39
CA ASN B 47 19.17 -21.78 14.67
C ASN B 47 19.32 -20.27 14.84
N LEU B 48 19.41 -19.53 13.73
CA LEU B 48 19.58 -18.08 13.82
C LEU B 48 18.27 -17.38 14.14
N ASP B 49 17.23 -17.63 13.35
CA ASP B 49 16.00 -16.87 13.42
C ASP B 49 14.84 -17.75 13.00
N PRO B 50 13.79 -17.88 13.80
CA PRO B 50 12.66 -18.76 13.43
C PRO B 50 11.95 -18.35 12.16
N HIS B 51 11.97 -17.08 11.78
CA HIS B 51 11.29 -16.63 10.57
C HIS B 51 12.16 -16.71 9.33
N SER B 52 13.38 -17.21 9.43
CA SER B 52 14.28 -17.29 8.28
C SER B 52 14.17 -18.66 7.63
N ALA B 53 14.22 -18.69 6.30
CA ALA B 53 14.02 -19.91 5.54
C ALA B 53 14.97 -19.90 4.33
N TYR B 54 14.88 -20.96 3.53
CA TYR B 54 15.80 -21.13 2.41
C TYR B 54 15.14 -21.89 1.27
N VAL B 158 -14.44 -10.63 2.42
CA VAL B 158 -13.86 -10.48 3.74
C VAL B 158 -13.88 -9.00 4.16
N LYS B 159 -14.64 -8.70 5.20
CA LYS B 159 -14.78 -7.33 5.70
C LYS B 159 -13.67 -7.01 6.67
N SER B 160 -12.93 -5.93 6.39
CA SER B 160 -11.78 -5.56 7.22
C SER B 160 -12.22 -4.80 8.46
N VAL B 161 -13.20 -3.90 8.33
CA VAL B 161 -13.56 -2.95 9.38
C VAL B 161 -15.05 -3.06 9.68
N LYS B 162 -15.39 -3.03 10.97
CA LYS B 162 -16.77 -3.03 11.43
C LYS B 162 -16.94 -1.96 12.48
N SER B 163 -17.93 -1.08 12.29
CA SER B 163 -18.17 0.03 13.19
C SER B 163 -19.60 -0.04 13.73
N GLN B 164 -19.82 0.67 14.83
CA GLN B 164 -21.12 0.68 15.50
C GLN B 164 -21.12 1.75 16.56
N VAL B 165 -22.24 2.45 16.71
CA VAL B 165 -22.44 3.37 17.83
C VAL B 165 -23.07 2.55 18.94
N LEU B 166 -22.28 2.24 19.98
CA LEU B 166 -22.77 1.36 21.04
C LEU B 166 -23.70 2.09 22.00
N GLU B 167 -23.40 3.34 22.33
CA GLU B 167 -24.28 4.13 23.17
C GLU B 167 -24.32 5.54 22.63
N PRO B 168 -25.34 6.34 23.01
CA PRO B 168 -25.40 7.73 22.54
C PRO B 168 -24.17 8.53 22.93
N GLY B 169 -23.36 8.89 21.94
CA GLY B 169 -22.13 9.61 22.15
C GLY B 169 -20.87 8.76 22.12
N TYR B 170 -21.01 7.43 22.23
CA TYR B 170 -19.87 6.54 22.39
C TYR B 170 -19.95 5.43 21.36
N ALA B 171 -18.88 5.27 20.59
CA ALA B 171 -18.87 4.40 19.41
C ALA B 171 -17.70 3.43 19.46
N TYR B 172 -17.79 2.41 18.60
CA TYR B 172 -16.90 1.27 18.63
C TYR B 172 -16.46 0.94 17.21
N LEU B 173 -15.16 0.84 16.99
CA LEU B 173 -14.56 0.59 15.68
C LEU B 173 -13.57 -0.55 15.82
N ARG B 174 -13.86 -1.67 15.15
CA ARG B 174 -13.00 -2.86 15.20
C ARG B 174 -12.29 -3.05 13.88
N ILE B 175 -11.00 -3.37 13.94
CA ILE B 175 -10.22 -3.69 12.75
C ILE B 175 -9.92 -5.18 12.79
N THR B 176 -10.72 -5.96 12.04
CA THR B 176 -10.51 -7.40 11.96
C THR B 176 -9.13 -7.73 11.41
N GLN B 177 -8.70 -7.00 10.38
CA GLN B 177 -7.46 -7.31 9.68
C GLN B 177 -7.02 -6.06 8.93
N PHE B 178 -5.76 -6.06 8.48
CA PHE B 178 -5.20 -4.93 7.75
C PHE B 178 -5.08 -5.31 6.29
N GLN B 179 -6.09 -4.93 5.51
CA GLN B 179 -6.10 -5.09 4.07
C GLN B 179 -5.79 -3.75 3.42
N VAL B 180 -5.78 -3.72 2.08
CA VAL B 180 -5.44 -2.48 1.38
C VAL B 180 -6.52 -1.43 1.60
N ASN B 181 -7.79 -1.82 1.48
CA ASN B 181 -8.91 -0.91 1.65
C ASN B 181 -9.12 -0.46 3.10
N THR B 182 -8.37 -1.02 4.05
CA THR B 182 -8.66 -0.81 5.47
C THR B 182 -8.67 0.67 5.85
N GLY B 183 -7.69 1.44 5.39
CA GLY B 183 -7.65 2.86 5.73
C GLY B 183 -8.87 3.64 5.28
N GLU B 184 -9.19 3.56 3.99
CA GLU B 184 -10.40 4.22 3.51
C GLU B 184 -11.62 3.76 4.30
N GLU B 185 -11.65 2.49 4.69
CA GLU B 185 -12.80 1.97 5.41
C GLU B 185 -12.89 2.53 6.83
N VAL B 186 -11.75 2.69 7.51
CA VAL B 186 -11.79 3.27 8.85
C VAL B 186 -12.21 4.74 8.78
N VAL B 187 -11.75 5.47 7.77
CA VAL B 187 -12.15 6.87 7.66
C VAL B 187 -13.64 6.99 7.30
N LYS B 188 -14.10 6.13 6.38
CA LYS B 188 -15.52 6.03 6.06
C LYS B 188 -16.34 5.76 7.31
N ALA B 189 -15.87 4.84 8.15
CA ALA B 189 -16.58 4.50 9.38
C ALA B 189 -16.56 5.66 10.37
N LEU B 190 -15.46 6.41 10.43
CA LEU B 190 -15.41 7.60 11.26
C LEU B 190 -16.51 8.58 10.87
N ASN B 191 -16.59 8.94 9.59
CA ASN B 191 -17.66 9.82 9.14
C ASN B 191 -19.03 9.21 9.42
N GLN B 192 -19.17 7.90 9.20
CA GLN B 192 -20.47 7.25 9.41
C GLN B 192 -20.90 7.30 10.87
N LEU B 193 -19.95 7.11 11.80
CA LEU B 193 -20.28 7.18 13.22
C LEU B 193 -20.60 8.60 13.63
N ARG B 194 -19.90 9.59 13.07
CA ARG B 194 -20.26 10.98 13.34
C ARG B 194 -21.67 11.27 12.85
N LYS B 195 -22.06 10.70 11.71
CA LYS B 195 -23.42 10.88 11.20
C LYS B 195 -24.45 10.13 12.04
N ASP B 196 -24.08 8.96 12.56
CA ASP B 196 -25.02 8.15 13.34
C ASP B 196 -25.34 8.81 14.67
N ASN B 197 -24.31 9.31 15.36
CA ASN B 197 -24.52 10.04 16.61
C ASN B 197 -25.20 11.38 16.39
N LYS B 198 -25.38 11.80 15.15
CA LYS B 198 -25.97 13.09 14.78
C LYS B 198 -25.22 14.26 15.40
N GLY B 199 -23.98 14.04 15.82
CA GLY B 199 -23.18 15.09 16.40
C GLY B 199 -21.79 14.57 16.68
N ARG B 200 -20.94 15.46 17.18
CA ARG B 200 -19.58 15.08 17.54
C ARG B 200 -19.59 13.96 18.57
N LEU B 201 -18.57 13.11 18.50
CA LEU B 201 -18.52 11.91 19.33
C LEU B 201 -17.90 12.22 20.69
N LYS B 202 -18.43 11.58 21.73
CA LYS B 202 -17.89 11.73 23.07
C LYS B 202 -16.77 10.73 23.37
N GLY B 203 -16.79 9.57 22.73
CA GLY B 203 -15.75 8.57 22.93
C GLY B 203 -15.74 7.48 21.88
N LEU B 204 -14.56 6.91 21.65
CA LEU B 204 -14.38 5.88 20.63
C LEU B 204 -13.53 4.75 21.19
N VAL B 205 -13.82 3.52 20.80
CA VAL B 205 -13.03 2.36 21.19
C VAL B 205 -12.47 1.72 19.93
N LEU B 206 -11.14 1.67 19.81
CA LEU B 206 -10.48 0.92 18.75
C LEU B 206 -10.22 -0.51 19.22
N ASP B 207 -10.89 -1.47 18.58
CA ASP B 207 -10.67 -2.89 18.84
C ASP B 207 -9.61 -3.38 17.87
N LEU B 208 -8.36 -3.43 18.35
CA LEU B 208 -7.24 -3.98 17.60
C LEU B 208 -6.80 -5.33 18.12
N ARG B 209 -7.54 -5.94 19.03
CA ARG B 209 -7.20 -7.27 19.53
C ARG B 209 -7.62 -8.32 18.51
N ASN B 210 -6.94 -9.47 18.56
CA ASN B 210 -7.16 -10.56 17.61
C ASN B 210 -6.87 -10.08 16.19
N ASN B 211 -5.80 -9.31 16.05
CA ASN B 211 -5.38 -8.73 14.78
C ASN B 211 -3.99 -9.22 14.44
N PRO B 212 -3.85 -10.17 13.51
CA PRO B 212 -2.51 -10.67 13.18
C PRO B 212 -1.59 -9.63 12.57
N GLY B 213 -2.14 -8.68 11.81
CA GLY B 213 -1.35 -7.69 11.10
C GLY B 213 -1.85 -7.52 9.69
N GLY B 214 -0.97 -7.19 8.76
CA GLY B 214 -1.35 -7.06 7.37
C GLY B 214 -0.51 -6.01 6.67
N VAL B 215 -1.16 -5.30 5.74
CA VAL B 215 -0.48 -4.29 4.94
C VAL B 215 0.02 -3.18 5.86
N LEU B 216 1.33 -2.93 5.82
CA LEU B 216 1.92 -1.89 6.68
C LEU B 216 1.38 -0.51 6.34
N GLN B 217 1.28 -0.19 5.04
CA GLN B 217 0.79 1.11 4.63
C GLN B 217 -0.63 1.36 5.11
N SER B 218 -1.46 0.32 5.09
CA SER B 218 -2.82 0.46 5.59
C SER B 218 -2.82 0.75 7.10
N ALA B 219 -1.90 0.13 7.83
CA ALA B 219 -1.77 0.44 9.25
C ALA B 219 -1.35 1.89 9.46
N VAL B 220 -0.40 2.36 8.65
CA VAL B 220 0.09 3.73 8.81
C VAL B 220 -1.02 4.72 8.47
N GLU B 221 -1.87 4.40 7.48
CA GLU B 221 -2.98 5.30 7.17
C GLU B 221 -4.07 5.24 8.24
N VAL B 222 -4.30 4.07 8.84
CA VAL B 222 -5.21 3.98 9.98
C VAL B 222 -4.71 4.87 11.11
N ALA B 223 -3.40 4.82 11.38
CA ALA B 223 -2.82 5.70 12.39
C ALA B 223 -2.97 7.16 11.98
N ASP B 224 -2.88 7.45 10.68
CA ASP B 224 -3.01 8.82 10.19
C ASP B 224 -4.39 9.38 10.41
N ALA B 225 -5.41 8.52 10.60
CA ALA B 225 -6.76 9.01 10.89
C ALA B 225 -6.88 9.59 12.29
N PHE B 226 -5.89 9.38 13.15
CA PHE B 226 -5.93 9.86 14.52
C PHE B 226 -4.80 10.82 14.86
N LEU B 227 -3.83 10.99 13.98
CA LEU B 227 -2.62 11.76 14.25
C LEU B 227 -2.53 12.92 13.27
N THR B 228 -2.07 14.07 13.76
CA THR B 228 -1.90 15.24 12.92
C THR B 228 -0.43 15.62 12.70
N LYS B 229 0.48 15.08 13.50
CA LYS B 229 1.90 15.37 13.37
C LYS B 229 2.68 14.30 14.12
N GLY B 230 3.98 14.29 13.92
CA GLY B 230 4.85 13.39 14.66
C GLY B 230 5.10 12.09 13.92
N LEU B 231 5.92 11.26 14.55
CA LEU B 231 6.32 9.99 13.96
C LEU B 231 5.24 8.94 14.22
N ILE B 232 5.17 7.95 13.33
CA ILE B 232 4.24 6.83 13.46
C ILE B 232 4.98 5.53 13.72
N VAL B 233 5.94 5.19 12.85
CA VAL B 233 6.71 3.96 12.98
C VAL B 233 7.95 4.10 12.12
N TYR B 234 9.04 3.46 12.55
CA TYR B 234 10.24 3.47 11.74
C TYR B 234 10.97 2.14 11.88
N THR B 235 11.47 1.66 10.76
CA THR B 235 12.16 0.39 10.67
C THR B 235 13.66 0.63 10.69
N LYS B 236 14.38 -0.17 11.47
CA LYS B 236 15.83 -0.08 11.59
C LYS B 236 16.47 -1.43 11.32
N GLY B 237 17.54 -1.39 10.52
CA GLY B 237 18.32 -2.56 10.15
C GLY B 237 19.66 -2.07 9.65
N ARG B 238 20.49 -3.01 9.22
CA ARG B 238 21.83 -2.69 8.76
C ARG B 238 21.92 -2.61 7.24
N ILE B 239 20.79 -2.57 6.55
CA ILE B 239 20.74 -2.42 5.10
C ILE B 239 20.40 -0.97 4.76
N ALA B 240 20.89 -0.53 3.60
CA ALA B 240 20.70 0.86 3.17
C ALA B 240 19.22 1.18 3.02
N ASN B 241 18.46 0.27 2.39
CA ASN B 241 17.05 0.52 2.12
C ASN B 241 16.14 -0.04 3.20
N SER B 242 16.70 -0.34 4.37
CA SER B 242 15.90 -0.87 5.46
C SER B 242 15.38 0.24 6.37
N GLU B 243 16.23 1.23 6.66
CA GLU B 243 15.85 2.30 7.56
C GLU B 243 14.72 3.10 6.92
N LEU B 244 13.55 3.07 7.55
CA LEU B 244 12.34 3.68 6.97
C LEU B 244 11.57 4.45 8.03
N ARG B 245 11.22 5.69 7.75
CA ARG B 245 10.44 6.48 8.70
C ARG B 245 9.06 6.78 8.13
N PHE B 246 8.07 6.89 9.03
CA PHE B 246 6.70 7.21 8.64
C PHE B 246 6.15 8.28 9.57
N SER B 247 5.81 9.43 9.01
CA SER B 247 5.31 10.58 9.76
C SER B 247 3.83 10.80 9.46
N ALA B 248 3.14 11.37 10.45
CA ALA B 248 1.71 11.63 10.34
C ALA B 248 1.44 12.85 9.45
N ASP B 249 0.34 12.78 8.66
CA ASP B 249 -0.08 13.92 7.87
C ASP B 249 -0.98 14.83 8.69
N PRO B 250 -1.10 16.11 8.31
CA PRO B 250 -1.83 17.07 9.17
C PRO B 250 -3.35 16.93 9.14
N ALA B 251 -3.85 15.77 8.72
CA ALA B 251 -5.29 15.52 8.65
C ALA B 251 -5.64 14.34 9.53
N ASP B 252 -6.62 14.53 10.42
CA ASP B 252 -7.16 13.44 11.23
C ASP B 252 -8.68 13.47 11.16
N PRO B 253 -9.31 12.51 10.49
CA PRO B 253 -10.78 12.43 10.50
C PRO B 253 -11.38 12.14 11.86
N SER B 254 -10.56 11.86 12.89
CA SER B 254 -11.08 11.55 14.20
C SER B 254 -11.64 12.76 14.93
N ASP B 255 -11.28 13.98 14.51
CA ASP B 255 -11.71 15.21 15.17
C ASP B 255 -11.33 15.19 16.65
N LYS B 256 -10.12 14.71 16.94
CA LYS B 256 -9.55 14.73 18.29
C LYS B 256 -10.40 13.99 19.30
N VAL B 257 -11.23 13.05 18.84
CA VAL B 257 -12.10 12.31 19.76
C VAL B 257 -11.24 11.51 20.73
N PRO B 258 -11.55 11.52 22.03
CA PRO B 258 -10.79 10.66 22.96
C PRO B 258 -11.10 9.19 22.68
N LEU B 259 -10.05 8.40 22.53
CA LEU B 259 -10.21 6.99 22.20
C LEU B 259 -9.38 6.12 23.13
N VAL B 260 -9.91 4.93 23.41
CA VAL B 260 -9.22 3.87 24.13
C VAL B 260 -9.01 2.72 23.16
N VAL B 261 -7.78 2.20 23.10
CA VAL B 261 -7.44 1.12 22.18
C VAL B 261 -7.30 -0.17 22.97
N LEU B 262 -7.92 -1.24 22.47
CA LEU B 262 -7.91 -2.54 23.11
C LEU B 262 -6.93 -3.47 22.40
N ILE B 263 -6.06 -4.11 23.18
CA ILE B 263 -5.06 -5.03 22.66
C ILE B 263 -5.09 -6.31 23.47
N ASN B 264 -5.00 -7.44 22.78
CA ASN B 264 -4.95 -8.77 23.38
C ASN B 264 -3.57 -9.37 23.17
N GLY B 265 -3.43 -10.64 23.54
CA GLY B 265 -2.20 -11.36 23.21
C GLY B 265 -2.09 -11.63 21.73
N GLY B 266 -3.22 -11.82 21.05
CA GLY B 266 -3.24 -12.08 19.63
C GLY B 266 -3.29 -10.81 18.80
N SER B 267 -2.58 -9.77 19.25
CA SER B 267 -2.48 -8.52 18.52
C SER B 267 -1.02 -8.34 18.12
N ALA B 268 -0.75 -8.40 16.83
CA ALA B 268 0.63 -8.45 16.34
C ALA B 268 0.79 -7.60 15.09
N ALA B 269 2.06 -7.31 14.78
CA ALA B 269 2.50 -6.71 13.52
C ALA B 269 1.84 -5.35 13.33
N ALA B 270 1.03 -5.17 12.28
CA ALA B 270 0.50 -3.84 11.96
C ALA B 270 -0.39 -3.30 13.08
N ALA B 271 -1.20 -4.16 13.69
CA ALA B 271 -1.99 -3.75 14.85
C ALA B 271 -1.09 -3.22 15.96
N GLU B 272 0.03 -3.91 16.20
CA GLU B 272 0.94 -3.48 17.25
C GLU B 272 1.60 -2.16 16.89
N ILE B 273 1.89 -1.97 15.60
CA ILE B 273 2.45 -0.70 15.13
C ILE B 273 1.47 0.44 15.40
N VAL B 274 0.20 0.24 15.02
CA VAL B 274 -0.82 1.25 15.24
C VAL B 274 -0.95 1.58 16.73
N ALA B 275 -1.06 0.54 17.56
CA ALA B 275 -1.23 0.76 18.99
C ALA B 275 -0.04 1.49 19.59
N GLY B 276 1.19 1.10 19.22
CA GLY B 276 2.37 1.76 19.74
C GLY B 276 2.46 3.21 19.31
N ALA B 277 2.13 3.49 18.05
CA ALA B 277 2.09 4.87 17.58
C ALA B 277 1.08 5.69 18.38
N LEU B 278 -0.13 5.17 18.54
CA LEU B 278 -1.16 5.90 19.26
C LEU B 278 -0.79 6.11 20.74
N GLN B 279 -0.07 5.16 21.34
CA GLN B 279 0.31 5.30 22.74
C GLN B 279 1.45 6.30 22.91
N ASP B 280 2.50 6.18 22.07
CA ASP B 280 3.66 7.04 22.23
C ASP B 280 3.32 8.50 21.90
N GLN B 281 2.35 8.72 21.02
CA GLN B 281 1.88 10.07 20.77
C GLN B 281 0.95 10.58 21.86
N LYS B 282 0.71 9.76 22.89
CA LYS B 282 -0.21 10.09 23.98
C LYS B 282 -1.58 10.52 23.44
N ARG B 283 -2.02 9.84 22.39
CA ARG B 283 -3.30 10.11 21.74
C ARG B 283 -4.40 9.17 22.20
N ALA B 284 -4.06 7.95 22.61
CA ALA B 284 -5.05 6.95 22.97
C ALA B 284 -4.67 6.33 24.31
N ILE B 285 -5.65 5.69 24.94
CA ILE B 285 -5.46 4.93 26.16
C ILE B 285 -5.42 3.45 25.78
N LEU B 286 -4.28 2.80 26.01
CA LEU B 286 -4.14 1.39 25.70
C LEU B 286 -4.57 0.58 26.92
N MET B 287 -5.52 -0.34 26.73
CA MET B 287 -5.99 -1.18 27.82
C MET B 287 -6.22 -2.59 27.30
N GLY B 288 -6.19 -3.55 28.22
CA GLY B 288 -6.24 -4.96 27.88
C GLY B 288 -4.99 -5.67 28.34
N THR B 289 -4.66 -6.82 27.75
CA THR B 289 -3.44 -7.51 28.11
C THR B 289 -2.31 -7.16 27.14
N ASP B 290 -1.15 -7.76 27.35
CA ASP B 290 0.03 -7.45 26.56
C ASP B 290 -0.10 -7.97 25.13
N SER B 291 0.81 -7.52 24.28
CA SER B 291 0.76 -7.80 22.85
C SER B 291 1.66 -8.97 22.48
N PHE B 292 1.41 -9.52 21.28
CA PHE B 292 2.20 -10.69 20.81
C PHE B 292 3.68 -10.34 20.83
N GLY B 293 3.99 -9.05 20.89
CA GLY B 293 5.40 -8.62 20.90
C GLY B 293 6.15 -9.11 19.68
N LYS B 294 5.53 -9.10 18.49
CA LYS B 294 6.36 -9.48 17.32
C LYS B 294 6.44 -8.34 16.31
N GLY B 295 7.65 -7.81 16.06
CA GLY B 295 7.84 -6.85 14.96
C GLY B 295 9.04 -7.30 14.17
N SER B 296 8.89 -7.60 12.88
CA SER B 296 10.05 -7.96 12.04
C SER B 296 9.75 -7.71 10.57
N VAL B 297 10.78 -7.55 9.74
CA VAL B 297 10.51 -7.44 8.28
C VAL B 297 11.44 -8.44 7.57
N GLN B 298 10.90 -9.59 7.20
CA GLN B 298 11.68 -10.57 6.46
C GLN B 298 11.70 -10.18 4.99
N THR B 299 12.90 -10.01 4.44
CA THR B 299 13.11 -9.83 3.01
C THR B 299 13.72 -11.09 2.41
N VAL B 300 13.34 -11.39 1.18
CA VAL B 300 13.95 -12.46 0.41
C VAL B 300 15.18 -11.91 -0.32
N LEU B 301 16.33 -12.53 -0.09
CA LEU B 301 17.57 -12.19 -0.76
C LEU B 301 17.92 -13.24 -1.80
N PRO B 302 18.34 -12.79 -2.97
CA PRO B 302 18.72 -13.70 -4.05
C PRO B 302 20.16 -14.18 -3.91
N LEU B 303 20.40 -15.35 -4.48
CA LEU B 303 21.71 -15.99 -4.41
C LEU B 303 22.19 -16.29 -5.82
N ASN B 304 23.51 -16.47 -5.95
CA ASN B 304 24.07 -16.84 -7.25
C ASN B 304 23.53 -18.18 -7.72
N ASN B 305 23.30 -19.10 -6.79
CA ASN B 305 22.61 -20.34 -7.12
C ASN B 305 21.13 -20.07 -7.40
N ASP B 306 20.50 -20.98 -8.11
CA ASP B 306 19.11 -20.80 -8.54
C ASP B 306 18.17 -21.10 -7.37
N ARG B 307 18.23 -20.20 -6.37
CA ARG B 307 17.44 -20.28 -5.14
C ARG B 307 17.66 -18.99 -4.37
N ALA B 308 16.90 -18.81 -3.30
CA ALA B 308 16.96 -17.59 -2.51
C ALA B 308 16.69 -17.93 -1.05
N LEU B 309 16.98 -16.96 -0.17
CA LEU B 309 16.81 -17.17 1.27
C LEU B 309 16.02 -16.01 1.87
N LYS B 310 15.07 -16.33 2.74
CA LYS B 310 14.31 -15.32 3.47
C LYS B 310 14.95 -15.04 4.83
N LEU B 311 15.24 -13.77 5.10
CA LEU B 311 15.90 -13.36 6.34
C LEU B 311 15.20 -12.15 6.95
N THR B 312 15.11 -12.14 8.28
CA THR B 312 14.73 -10.90 8.95
C THR B 312 15.85 -9.89 8.74
N THR B 313 15.53 -8.78 8.09
CA THR B 313 16.52 -7.77 7.72
C THR B 313 16.47 -6.53 8.61
N ALA B 314 15.35 -6.27 9.28
CA ALA B 314 15.21 -5.10 10.13
C ALA B 314 14.06 -5.34 11.10
N LEU B 315 13.83 -4.36 11.98
CA LEU B 315 12.73 -4.47 12.94
C LEU B 315 12.00 -3.14 13.05
N TYR B 316 10.74 -3.23 13.49
CA TYR B 316 9.88 -2.07 13.67
C TYR B 316 10.16 -1.40 15.00
N TYR B 317 10.02 -0.07 15.02
CA TYR B 317 10.19 0.70 16.24
C TYR B 317 9.08 1.75 16.29
N THR B 318 8.51 1.91 17.49
CA THR B 318 7.46 2.89 17.72
C THR B 318 8.06 4.28 17.78
N PRO B 319 7.23 5.35 17.76
CA PRO B 319 7.80 6.71 17.74
C PRO B 319 8.75 6.99 18.90
N ASN B 320 8.46 6.45 20.09
CA ASN B 320 9.38 6.63 21.21
C ASN B 320 10.75 6.03 20.93
N GLY B 321 10.78 4.87 20.28
CA GLY B 321 12.01 4.14 20.02
C GLY B 321 12.08 2.75 20.62
N ARG B 322 11.02 2.26 21.27
CA ARG B 322 11.04 0.92 21.83
C ARG B 322 10.82 -0.09 20.71
N SER B 323 11.63 -1.13 20.69
CA SER B 323 11.44 -2.19 19.71
C SER B 323 10.15 -2.94 20.00
N ILE B 324 9.31 -3.11 18.97
CA ILE B 324 8.08 -3.87 19.14
C ILE B 324 8.38 -5.35 19.32
N GLN B 325 9.45 -5.84 18.70
CA GLN B 325 9.77 -7.26 18.74
C GLN B 325 10.12 -7.72 20.14
N ALA B 326 10.86 -6.91 20.89
CA ALA B 326 11.33 -7.31 22.22
C ALA B 326 10.35 -6.90 23.32
N GLN B 327 10.12 -5.60 23.48
CA GLN B 327 9.28 -5.11 24.58
C GLN B 327 7.80 -5.44 24.35
N GLY B 328 7.39 -5.58 23.09
CA GLY B 328 5.97 -5.66 22.83
C GLY B 328 5.31 -4.31 23.08
N ILE B 329 3.99 -4.35 23.25
CA ILE B 329 3.21 -3.17 23.59
C ILE B 329 2.49 -3.43 24.89
N VAL B 330 2.80 -2.63 25.91
CA VAL B 330 2.25 -2.78 27.25
C VAL B 330 1.08 -1.80 27.38
N PRO B 331 -0.12 -2.27 27.71
CA PRO B 331 -1.26 -1.35 27.83
C PRO B 331 -1.10 -0.45 29.06
N ASP B 332 -1.64 0.77 28.94
CA ASP B 332 -1.61 1.70 30.06
C ASP B 332 -2.44 1.20 31.23
N ILE B 333 -3.54 0.50 30.96
CA ILE B 333 -4.35 -0.14 31.98
C ILE B 333 -4.45 -1.62 31.64
N GLU B 334 -4.00 -2.47 32.55
CA GLU B 334 -4.08 -3.91 32.34
C GLU B 334 -5.47 -4.42 32.74
N VAL B 335 -6.14 -5.08 31.80
CA VAL B 335 -7.48 -5.61 32.07
C VAL B 335 -7.61 -7.00 31.47
N GLY B 336 -7.55 -8.02 32.33
CA GLY B 336 -7.83 -9.38 31.93
C GLY B 336 -9.31 -9.64 31.87
N ARG B 337 -9.67 -10.77 31.28
CA ARG B 337 -11.07 -11.17 31.28
C ARG B 337 -11.52 -11.43 32.72
N ALA B 338 -12.73 -11.00 33.04
CA ALA B 338 -13.26 -11.16 34.38
C ALA B 338 -14.77 -10.98 34.35
N LYS B 339 -15.41 -11.37 35.45
CA LYS B 339 -16.84 -11.24 35.63
C LYS B 339 -17.12 -10.35 36.83
N VAL B 340 -18.06 -9.42 36.66
CA VAL B 340 -18.46 -8.51 37.73
C VAL B 340 -19.76 -9.03 38.34
N THR B 341 -19.88 -8.92 39.66
CA THR B 341 -21.04 -9.39 40.41
C THR B 341 -21.55 -8.21 41.22
N GLN B 342 -22.75 -7.74 40.91
CA GLN B 342 -23.31 -6.59 41.61
C GLN B 342 -23.71 -6.99 43.03
N GLU B 343 -23.52 -6.06 43.97
CA GLU B 343 -23.87 -6.29 45.37
C GLU B 343 -24.79 -5.19 45.89
N ARG B 344 -25.59 -4.61 45.00
CA ARG B 344 -26.53 -3.52 45.40
C ARG B 344 -27.53 -4.07 46.42
N GLU B 378 -26.96 -3.85 18.05
CA GLU B 378 -27.08 -4.56 19.31
C GLU B 378 -26.25 -3.87 20.40
N ARG B 379 -26.06 -4.53 21.54
CA ARG B 379 -25.26 -3.98 22.63
C ARG B 379 -24.27 -5.04 23.09
N PRO B 380 -23.00 -4.98 22.63
CA PRO B 380 -22.03 -6.02 22.96
C PRO B 380 -21.36 -5.90 24.33
N GLN B 381 -21.26 -4.68 24.87
CA GLN B 381 -20.53 -4.49 26.12
C GLN B 381 -21.16 -5.24 27.29
N ASP B 382 -22.45 -5.57 27.21
CA ASP B 382 -23.07 -6.37 28.25
C ASP B 382 -22.45 -7.76 28.37
N SER B 383 -21.76 -8.22 27.32
CA SER B 383 -21.12 -9.53 27.31
C SER B 383 -19.59 -9.47 27.32
N ASP B 384 -19.01 -8.34 26.92
CA ASP B 384 -17.56 -8.20 26.83
C ASP B 384 -17.09 -7.36 28.01
N TYR B 385 -16.19 -7.93 28.82
CA TYR B 385 -15.70 -7.23 30.00
C TYR B 385 -14.77 -6.08 29.61
N GLN B 386 -13.82 -6.35 28.73
CA GLN B 386 -12.84 -5.33 28.34
C GLN B 386 -13.53 -4.15 27.65
N LEU B 387 -14.50 -4.44 26.77
CA LEU B 387 -15.22 -3.36 26.09
C LEU B 387 -16.03 -2.54 27.08
N SER B 388 -16.67 -3.20 28.04
CA SER B 388 -17.42 -2.47 29.07
C SER B 388 -16.50 -1.58 29.90
N GLN B 389 -15.32 -2.08 30.25
CA GLN B 389 -14.36 -1.28 30.99
C GLN B 389 -13.91 -0.07 30.18
N ALA B 390 -13.61 -0.28 28.90
CA ALA B 390 -13.22 0.84 28.04
C ALA B 390 -14.33 1.86 27.93
N LEU B 391 -15.57 1.40 27.79
CA LEU B 391 -16.73 2.30 27.71
C LEU B 391 -16.86 3.12 28.99
N SER B 392 -16.76 2.47 30.14
CA SER B 392 -16.91 3.19 31.41
C SER B 392 -15.78 4.17 31.62
N LEU B 393 -14.56 3.81 31.22
CA LEU B 393 -13.44 4.75 31.31
C LEU B 393 -13.67 5.96 30.41
N LEU B 394 -14.17 5.75 29.19
CA LEU B 394 -14.46 6.87 28.31
C LEU B 394 -15.55 7.76 28.89
N LYS B 395 -16.57 7.14 29.49
CA LYS B 395 -17.65 7.90 30.11
C LYS B 395 -17.12 8.77 31.25
N GLY B 396 -16.31 8.18 32.13
CA GLY B 396 -15.73 8.94 33.22
C GLY B 396 -14.81 10.05 32.74
N LEU B 397 -14.00 9.78 31.71
CA LEU B 397 -13.14 10.81 31.14
C LEU B 397 -13.97 11.96 30.58
N SER B 398 -15.09 11.65 29.93
CA SER B 398 -15.95 12.69 29.40
C SER B 398 -16.59 13.50 30.53
N VAL B 399 -16.98 12.83 31.62
CA VAL B 399 -17.58 13.53 32.74
C VAL B 399 -16.56 14.47 33.38
N THR B 400 -15.34 13.99 33.60
CA THR B 400 -14.30 14.83 34.17
C THR B 400 -14.00 16.03 33.27
N ARG B 401 -13.89 15.80 31.97
CA ARG B 401 -13.52 16.86 31.04
C ARG B 401 -14.69 17.78 30.71
#